data_6NWS
#
_entry.id   6NWS
#
_cell.length_a   60.805
_cell.length_b   60.805
_cell.length_c   160.650
_cell.angle_alpha   90.00
_cell.angle_beta   90.00
_cell.angle_gamma   90.00
#
_symmetry.space_group_name_H-M   'P 41 21 2'
#
loop_
_entity.id
_entity.type
_entity.pdbx_description
1 polymer 'Nuclear receptor ROR-gamma'
2 non-polymer 2-chloro-6-fluoro-N-(1-{[3-(trifluoromethyl)phenyl]sulfonyl}-2,3-dihydro-1H-indol-6-yl)benzamide
3 water water
#
_entity_poly.entity_id   1
_entity_poly.type   'polypeptide(L)'
_entity_poly.pdbx_seq_one_letter_code
;ASLTEIEHLVQSVCKSYRETCQLRLEDLLRQRSNIFSREEVTGYQRKSMWEMWERCAHHLTEAIQYVVEFAKRLSGFMEL
CQNDQIVLLKAGAMEVVLVRMCRAYNADNRTVFFEGKYGGMELFRALGCSELISSIFDFSHSLSALHFSEDEIALYTALV
LINAHRPGLQEKRKVEQLQYNLELAFHHHLCKTHRQSILAKLPPKGKLRSLCSQHVERLQIFQHLHPIVVQAAFPPLYKE
LFSGGGEKHKILHRLLQDS
;
_entity_poly.pdbx_strand_id   A
#
loop_
_chem_comp.id
_chem_comp.type
_chem_comp.name
_chem_comp.formula
L77 non-polymer 2-chloro-6-fluoro-N-(1-{[3-(trifluoromethyl)phenyl]sulfonyl}-2,3-dihydro-1H-indol-6-yl)benzamide 'C22 H15 Cl F4 N2 O3 S'
#
# COMPACT_ATOMS: atom_id res chain seq x y z
N ALA A 1 -28.59 -3.61 -2.33
CA ALA A 1 -28.13 -4.97 -2.57
C ALA A 1 -28.60 -5.90 -1.45
N SER A 2 -29.00 -7.12 -1.83
CA SER A 2 -29.51 -8.07 -0.87
C SER A 2 -28.39 -8.55 0.07
N LEU A 3 -28.80 -9.29 1.11
CA LEU A 3 -27.85 -9.78 2.10
C LEU A 3 -26.87 -10.76 1.48
N THR A 4 -27.35 -11.67 0.63
CA THR A 4 -26.47 -12.67 0.02
C THR A 4 -25.59 -12.05 -1.07
N GLU A 5 -26.10 -11.05 -1.78
CA GLU A 5 -25.23 -10.26 -2.66
C GLU A 5 -24.12 -9.61 -1.85
N ILE A 6 -24.44 -9.11 -0.65
CA ILE A 6 -23.43 -8.54 0.23
C ILE A 6 -22.44 -9.61 0.66
N GLU A 7 -22.94 -10.79 1.02
CA GLU A 7 -22.04 -11.91 1.33
C GLU A 7 -21.24 -12.32 0.12
N HIS A 8 -21.84 -12.27 -1.07
CA HIS A 8 -21.12 -12.58 -2.30
C HIS A 8 -19.96 -11.62 -2.50
N LEU A 9 -20.19 -10.33 -2.31
CA LEU A 9 -19.13 -9.34 -2.49
C LEU A 9 -18.00 -9.53 -1.49
N VAL A 10 -18.32 -9.94 -0.26
CA VAL A 10 -17.27 -10.20 0.73
C VAL A 10 -16.33 -11.29 0.22
N GLN A 11 -16.91 -12.39 -0.30
CA GLN A 11 -16.09 -13.50 -0.76
C GLN A 11 -15.27 -13.13 -2.00
N SER A 12 -15.88 -12.35 -2.91
CA SER A 12 -15.16 -11.94 -4.11
C SER A 12 -14.02 -10.99 -3.81
N VAL A 13 -14.16 -10.16 -2.78
CA VAL A 13 -13.06 -9.29 -2.37
C VAL A 13 -11.97 -10.10 -1.71
N CYS A 14 -12.35 -10.99 -0.78
CA CYS A 14 -11.37 -11.80 -0.07
C CYS A 14 -10.57 -12.69 -1.02
N LYS A 15 -11.24 -13.30 -1.99
CA LYS A 15 -10.51 -14.12 -2.96
C LYS A 15 -9.64 -13.25 -3.86
N SER A 16 -10.08 -12.02 -4.14
CA SER A 16 -9.27 -11.11 -4.95
C SER A 16 -8.02 -10.67 -4.20
N TYR A 17 -8.11 -10.56 -2.87
CA TYR A 17 -6.94 -10.21 -2.08
C TYR A 17 -6.00 -11.39 -1.91
N ARG A 18 -6.54 -12.61 -1.79
CA ARG A 18 -5.71 -13.80 -1.70
C ARG A 18 -4.83 -13.95 -2.94
N GLU A 19 -5.38 -13.64 -4.13
CA GLU A 19 -4.71 -13.96 -5.38
C GLU A 19 -3.66 -12.95 -5.79
N THR A 20 -3.68 -11.74 -5.22
CA THR A 20 -2.71 -10.70 -5.55
C THR A 20 -1.90 -10.28 -4.34
N CYS A 21 -1.59 -11.23 -3.48
CA CYS A 21 -0.68 -10.98 -2.38
C CYS A 21 0.76 -11.10 -2.86
N GLN A 22 1.56 -10.07 -2.61
CA GLN A 22 2.97 -10.13 -2.98
C GLN A 22 3.73 -11.12 -2.09
N LEU A 23 3.42 -11.13 -0.80
CA LEU A 23 4.04 -12.03 0.16
C LEU A 23 2.98 -12.89 0.82
N ARG A 24 3.26 -14.19 0.96
CA ARG A 24 2.35 -15.07 1.68
C ARG A 24 2.51 -14.87 3.18
N LEU A 25 1.38 -14.98 3.90
CA LEU A 25 1.39 -14.68 5.32
C LEU A 25 2.19 -15.72 6.13
N GLU A 26 2.06 -17.00 5.77
CA GLU A 26 2.77 -18.03 6.51
C GLU A 26 4.28 -17.93 6.33
N ASP A 27 4.73 -17.41 5.19
CA ASP A 27 6.17 -17.21 4.99
C ASP A 27 6.69 -16.06 5.83
N LEU A 28 5.88 -15.00 5.98
CA LEU A 28 6.29 -13.86 6.80
C LEU A 28 6.37 -14.22 8.27
N LEU A 29 5.50 -15.11 8.73
CA LEU A 29 5.48 -15.49 10.15
C LEU A 29 6.55 -16.52 10.50
N ARG A 30 7.08 -17.24 9.51
CA ARG A 30 8.19 -18.15 9.78
C ARG A 30 9.55 -17.47 9.68
N GLN A 31 9.62 -16.34 8.97
CA GLN A 31 10.88 -15.61 8.83
C GLN A 31 11.16 -14.68 10.00
N ARG A 32 10.25 -14.57 10.96
CA ARG A 32 10.48 -13.67 12.09
C ARG A 32 11.76 -13.99 12.83
N SER A 33 12.20 -15.25 12.82
CA SER A 33 13.47 -15.62 13.44
C SER A 33 14.67 -15.27 12.56
N ASN A 34 14.45 -15.00 11.27
CA ASN A 34 15.53 -14.68 10.33
C ASN A 34 15.75 -13.18 10.37
N ILE A 35 16.69 -12.74 11.20
CA ILE A 35 16.95 -11.32 11.43
C ILE A 35 18.31 -10.98 10.85
N PHE A 36 18.42 -9.76 10.32
CA PHE A 36 19.69 -9.27 9.79
C PHE A 36 20.74 -9.23 10.90
N SER A 37 21.96 -9.64 10.56
CA SER A 37 23.07 -9.46 11.46
C SER A 37 23.41 -7.97 11.57
N ARG A 38 24.16 -7.61 12.63
CA ARG A 38 24.58 -6.24 12.78
C ARG A 38 25.49 -5.80 11.65
N GLU A 39 26.33 -6.72 11.16
CA GLU A 39 27.17 -6.42 9.99
C GLU A 39 26.34 -6.26 8.73
N GLU A 40 25.24 -7.00 8.61
CA GLU A 40 24.34 -6.82 7.48
C GLU A 40 23.64 -5.47 7.56
N VAL A 41 23.21 -5.06 8.75
CA VAL A 41 22.63 -3.73 8.94
C VAL A 41 23.66 -2.67 8.56
N THR A 42 24.88 -2.81 9.06
CA THR A 42 25.95 -1.86 8.73
C THR A 42 26.16 -1.77 7.24
N GLY A 43 26.02 -2.90 6.53
CA GLY A 43 26.09 -2.85 5.07
C GLY A 43 25.08 -1.90 4.47
N TYR A 44 23.83 -1.98 4.94
CA TYR A 44 22.81 -1.06 4.42
C TYR A 44 23.08 0.38 4.84
N GLN A 45 23.70 0.58 6.01
CA GLN A 45 23.94 1.93 6.50
C GLN A 45 25.02 2.63 5.70
N ARG A 46 26.10 1.93 5.35
CA ARG A 46 27.19 2.56 4.62
C ARG A 46 26.89 2.73 3.13
N LYS A 47 25.80 2.17 2.64
CA LYS A 47 25.45 2.36 1.24
C LYS A 47 25.08 3.82 0.97
N SER A 48 25.37 4.25 -0.25
CA SER A 48 25.15 5.64 -0.63
C SER A 48 23.67 5.97 -0.64
N MET A 49 23.35 7.24 -0.36
CA MET A 49 21.96 7.66 -0.21
C MET A 49 21.16 7.41 -1.49
N TRP A 50 21.74 7.71 -2.66
CA TRP A 50 21.00 7.52 -3.90
C TRP A 50 20.86 6.04 -4.25
N GLU A 51 21.81 5.20 -3.86
CA GLU A 51 21.66 3.77 -4.12
C GLU A 51 20.60 3.15 -3.22
N MET A 52 20.53 3.58 -1.96
CA MET A 52 19.50 3.10 -1.07
C MET A 52 18.12 3.57 -1.49
N TRP A 53 18.03 4.76 -2.06
CA TRP A 53 16.75 5.27 -2.55
C TRP A 53 16.23 4.45 -3.72
N GLU A 54 17.11 4.18 -4.70
CA GLU A 54 16.72 3.36 -5.85
C GLU A 54 16.30 1.97 -5.42
N ARG A 55 17.05 1.36 -4.50
CA ARG A 55 16.71 0.06 -3.96
C ARG A 55 15.28 0.04 -3.41
N CYS A 56 14.98 1.00 -2.54
CA CYS A 56 13.66 1.04 -1.92
C CYS A 56 12.57 1.45 -2.91
N ALA A 57 12.91 2.30 -3.87
CA ALA A 57 11.92 2.70 -4.87
C ALA A 57 11.47 1.52 -5.72
N HIS A 58 12.40 0.64 -6.07
CA HIS A 58 12.04 -0.54 -6.86
C HIS A 58 11.18 -1.49 -6.05
N HIS A 59 11.57 -1.75 -4.80
CA HIS A 59 10.75 -2.60 -3.92
C HIS A 59 9.37 -2.01 -3.71
N LEU A 60 9.28 -0.68 -3.61
CA LEU A 60 7.99 -0.02 -3.50
C LEU A 60 7.18 -0.17 -4.79
N THR A 61 7.85 -0.03 -5.93
CA THR A 61 7.17 -0.17 -7.22
C THR A 61 6.63 -1.58 -7.41
N GLU A 62 7.41 -2.60 -7.04
CA GLU A 62 6.96 -3.97 -7.17
C GLU A 62 5.73 -4.24 -6.32
N ALA A 63 5.68 -3.67 -5.11
CA ALA A 63 4.53 -3.86 -4.25
C ALA A 63 3.30 -3.15 -4.79
N ILE A 64 3.49 -1.95 -5.35
CA ILE A 64 2.37 -1.22 -5.95
C ILE A 64 1.78 -1.98 -7.13
N GLN A 65 2.61 -2.74 -7.86
CA GLN A 65 2.11 -3.49 -8.99
C GLN A 65 1.11 -4.56 -8.57
N TYR A 66 1.30 -5.17 -7.39
CA TYR A 66 0.32 -6.14 -6.91
C TYR A 66 -0.98 -5.46 -6.49
N VAL A 67 -0.92 -4.18 -6.14
CA VAL A 67 -2.12 -3.43 -5.79
C VAL A 67 -2.92 -3.12 -7.05
N VAL A 68 -2.24 -2.78 -8.15
CA VAL A 68 -2.93 -2.58 -9.42
C VAL A 68 -3.66 -3.86 -9.82
N GLU A 69 -3.02 -5.01 -9.67
CA GLU A 69 -3.71 -6.27 -9.93
C GLU A 69 -4.90 -6.46 -8.99
N PHE A 70 -4.75 -6.06 -7.73
CA PHE A 70 -5.87 -6.12 -6.79
C PHE A 70 -7.05 -5.28 -7.28
N ALA A 71 -6.78 -4.03 -7.64
CA ALA A 71 -7.80 -3.17 -8.24
C ALA A 71 -8.41 -3.81 -9.46
N LYS A 72 -7.57 -4.39 -10.33
CA LYS A 72 -8.05 -4.93 -11.61
C LYS A 72 -9.07 -6.04 -11.39
N ARG A 73 -9.00 -6.74 -10.26
CA ARG A 73 -9.94 -7.79 -9.94
C ARG A 73 -11.10 -7.31 -9.09
N LEU A 74 -11.09 -6.05 -8.68
CA LEU A 74 -12.13 -5.54 -7.78
C LEU A 74 -13.46 -5.44 -8.51
N SER A 75 -14.52 -5.86 -7.83
CA SER A 75 -15.87 -5.74 -8.37
C SER A 75 -16.21 -4.27 -8.58
N GLY A 76 -16.47 -3.90 -9.82
CA GLY A 76 -16.86 -2.55 -10.15
C GLY A 76 -15.73 -1.63 -10.57
N PHE A 77 -14.49 -1.92 -10.16
CA PHE A 77 -13.38 -1.02 -10.46
C PHE A 77 -13.13 -0.94 -11.97
N MET A 78 -13.01 -2.10 -12.62
CA MET A 78 -12.81 -2.11 -14.06
C MET A 78 -14.02 -1.62 -14.83
N GLU A 79 -15.19 -1.56 -14.18
CA GLU A 79 -16.37 -0.98 -14.79
C GLU A 79 -16.38 0.53 -14.73
N LEU A 80 -15.48 1.15 -13.97
CA LEU A 80 -15.37 2.59 -13.92
C LEU A 80 -14.66 3.12 -15.16
N CYS A 81 -14.84 4.42 -15.42
CA CYS A 81 -14.09 5.06 -16.51
C CYS A 81 -12.62 5.11 -16.16
N GLN A 82 -11.77 5.14 -17.20
CA GLN A 82 -10.33 4.98 -16.98
C GLN A 82 -9.76 6.11 -16.15
N ASN A 83 -10.13 7.36 -16.46
CA ASN A 83 -9.59 8.50 -15.72
C ASN A 83 -9.85 8.35 -14.22
N ASP A 84 -11.00 7.78 -13.84
CA ASP A 84 -11.27 7.53 -12.43
C ASP A 84 -10.45 6.35 -11.90
N GLN A 85 -10.16 5.38 -12.76
CA GLN A 85 -9.26 4.29 -12.36
C GLN A 85 -7.86 4.80 -12.09
N ILE A 86 -7.39 5.76 -12.89
CA ILE A 86 -6.06 6.31 -12.67
C ILE A 86 -6.04 7.15 -11.41
N VAL A 87 -7.09 7.97 -11.21
CA VAL A 87 -7.15 8.83 -10.03
C VAL A 87 -7.16 7.99 -8.76
N LEU A 88 -7.96 6.91 -8.75
CA LEU A 88 -8.03 6.06 -7.57
C LEU A 88 -6.69 5.35 -7.31
N LEU A 89 -6.01 4.94 -8.37
CA LEU A 89 -4.73 4.27 -8.17
C LEU A 89 -3.61 5.26 -7.89
N LYS A 90 -3.64 6.43 -8.54
CA LYS A 90 -2.62 7.43 -8.30
C LYS A 90 -2.60 7.88 -6.83
N ALA A 91 -3.77 7.89 -6.19
CA ALA A 91 -3.92 8.34 -4.81
C ALA A 91 -3.86 7.21 -3.80
N GLY A 92 -4.45 6.05 -4.11
CA GLY A 92 -4.63 5.02 -3.10
C GLY A 92 -3.67 3.84 -3.16
N ALA A 93 -2.87 3.73 -4.22
CA ALA A 93 -1.98 2.56 -4.35
C ALA A 93 -0.92 2.56 -3.26
N MET A 94 -0.26 3.70 -3.04
CA MET A 94 0.71 3.79 -1.95
C MET A 94 0.03 3.56 -0.60
N GLU A 95 -1.20 4.04 -0.46
CA GLU A 95 -1.94 3.82 0.78
C GLU A 95 -2.19 2.33 1.01
N VAL A 96 -2.63 1.61 -0.02
CA VAL A 96 -2.83 0.17 0.11
C VAL A 96 -1.51 -0.52 0.42
N VAL A 97 -0.42 -0.06 -0.19
CA VAL A 97 0.88 -0.67 0.05
C VAL A 97 1.33 -0.42 1.49
N LEU A 98 1.01 0.75 2.04
CA LEU A 98 1.39 1.05 3.41
C LEU A 98 0.58 0.23 4.40
N VAL A 99 -0.66 -0.13 4.06
CA VAL A 99 -1.46 -0.96 4.94
C VAL A 99 -1.03 -2.41 4.86
N ARG A 100 -0.76 -2.90 3.63
CA ARG A 100 -0.33 -4.29 3.46
C ARG A 100 0.98 -4.56 4.19
N MET A 101 1.80 -3.53 4.40
CA MET A 101 3.10 -3.71 5.03
C MET A 101 2.99 -4.22 6.45
N CYS A 102 1.89 -3.89 7.15
CA CYS A 102 1.74 -4.27 8.55
C CYS A 102 1.74 -5.78 8.73
N ARG A 103 1.49 -6.56 7.66
CA ARG A 103 1.66 -8.00 7.76
C ARG A 103 3.14 -8.37 7.86
N ALA A 104 4.00 -7.64 7.15
CA ALA A 104 5.44 -7.87 7.18
C ALA A 104 6.13 -7.18 8.36
N TYR A 105 5.36 -6.63 9.29
CA TYR A 105 5.91 -5.91 10.43
C TYR A 105 5.74 -6.74 11.69
N ASN A 106 6.82 -6.88 12.45
CA ASN A 106 6.82 -7.64 13.69
C ASN A 106 6.78 -6.65 14.85
N ALA A 107 5.62 -6.56 15.51
CA ALA A 107 5.46 -5.62 16.61
C ALA A 107 6.21 -6.03 17.86
N ASP A 108 6.59 -7.31 17.97
CA ASP A 108 7.28 -7.81 19.16
C ASP A 108 8.76 -7.52 19.15
N ASN A 109 9.28 -6.88 18.10
CA ASN A 109 10.65 -6.38 18.14
C ASN A 109 10.82 -5.13 17.27
N ARG A 110 9.73 -4.57 16.74
CA ARG A 110 9.77 -3.34 15.93
C ARG A 110 10.68 -3.50 14.72
N THR A 111 10.61 -4.68 14.09
CA THR A 111 11.33 -4.99 12.85
C THR A 111 10.33 -5.16 11.72
N VAL A 112 10.86 -5.13 10.50
CA VAL A 112 10.05 -5.26 9.29
C VAL A 112 10.78 -6.13 8.28
N PHE A 113 10.00 -6.86 7.49
CA PHE A 113 10.54 -7.77 6.48
C PHE A 113 11.05 -6.99 5.28
N PHE A 114 12.37 -7.03 5.07
CA PHE A 114 13.00 -6.26 4.00
C PHE A 114 14.07 -7.12 3.35
N GLU A 115 13.85 -7.50 2.09
CA GLU A 115 14.82 -8.24 1.29
C GLU A 115 15.18 -9.58 1.95
N GLY A 116 14.17 -10.31 2.40
CA GLY A 116 14.33 -11.66 2.88
C GLY A 116 14.47 -11.80 4.38
N LYS A 117 14.83 -10.73 5.08
CA LYS A 117 15.05 -10.79 6.52
C LYS A 117 14.39 -9.58 7.19
N TYR A 118 14.27 -9.67 8.52
CA TYR A 118 13.66 -8.62 9.32
C TYR A 118 14.71 -7.70 9.90
N GLY A 119 14.39 -6.41 9.96
CA GLY A 119 15.31 -5.43 10.53
C GLY A 119 14.57 -4.20 10.98
N GLY A 120 15.15 -3.51 11.95
CA GLY A 120 14.53 -2.34 12.54
C GLY A 120 14.70 -1.10 11.69
N MET A 121 14.34 0.05 12.29
CA MET A 121 14.41 1.33 11.61
C MET A 121 15.81 1.65 11.11
N GLU A 122 16.83 1.30 11.89
CA GLU A 122 18.20 1.66 11.56
C GLU A 122 18.69 1.02 10.27
N LEU A 123 17.92 0.11 9.69
CA LEU A 123 18.26 -0.46 8.39
C LEU A 123 18.29 0.59 7.29
N PHE A 124 17.43 1.62 7.40
CA PHE A 124 17.21 2.59 6.34
C PHE A 124 17.88 3.93 6.62
N ARG A 125 18.88 3.96 7.51
CA ARG A 125 19.49 5.24 7.90
C ARG A 125 20.09 5.97 6.71
N ALA A 126 20.63 5.24 5.74
CA ALA A 126 21.29 5.89 4.60
C ALA A 126 20.31 6.69 3.75
N LEU A 127 19.01 6.45 3.90
CA LEU A 127 18.02 7.21 3.15
C LEU A 127 17.96 8.66 3.57
N GLY A 128 18.42 8.98 4.77
CA GLY A 128 18.25 10.33 5.30
C GLY A 128 16.80 10.74 5.46
N CYS A 129 15.91 9.80 5.82
CA CYS A 129 14.49 10.07 6.00
C CYS A 129 14.04 9.57 7.37
N SER A 130 14.67 10.10 8.43
CA SER A 130 14.38 9.62 9.78
C SER A 130 12.91 9.78 10.14
N GLU A 131 12.35 10.95 9.86
CA GLU A 131 10.97 11.22 10.29
C GLU A 131 9.97 10.41 9.47
N LEU A 132 10.18 10.30 8.16
CA LEU A 132 9.28 9.52 7.32
C LEU A 132 9.33 8.04 7.68
N ILE A 133 10.53 7.50 7.90
CA ILE A 133 10.66 6.09 8.25
C ILE A 133 9.99 5.83 9.60
N SER A 134 10.10 6.77 10.53
CA SER A 134 9.46 6.61 11.83
C SER A 134 7.94 6.60 11.71
N SER A 135 7.39 7.51 10.92
CA SER A 135 5.94 7.55 10.73
C SER A 135 5.42 6.26 10.13
N ILE A 136 6.18 5.63 9.25
CA ILE A 136 5.78 4.36 8.66
C ILE A 136 5.78 3.27 9.71
N PHE A 137 6.87 3.16 10.47
CA PHE A 137 6.97 2.13 11.50
C PHE A 137 5.88 2.29 12.55
N ASP A 138 5.63 3.52 13.01
CA ASP A 138 4.57 3.76 13.99
C ASP A 138 3.20 3.43 13.41
N PHE A 139 2.98 3.72 12.12
CA PHE A 139 1.72 3.38 11.48
C PHE A 139 1.52 1.87 11.44
N SER A 140 2.55 1.13 11.04
CA SER A 140 2.46 -0.33 11.07
C SER A 140 2.32 -0.85 12.50
N HIS A 141 2.96 -0.18 13.46
CA HIS A 141 2.82 -0.59 14.86
C HIS A 141 1.38 -0.48 15.34
N SER A 142 0.64 0.52 14.85
CA SER A 142 -0.75 0.68 15.25
C SER A 142 -1.63 -0.41 14.65
N LEU A 143 -1.47 -0.70 13.35
CA LEU A 143 -2.31 -1.69 12.70
C LEU A 143 -2.01 -3.10 13.20
N SER A 144 -0.77 -3.37 13.62
CA SER A 144 -0.43 -4.69 14.11
C SER A 144 -1.13 -5.00 15.42
N ALA A 145 -1.47 -3.98 16.20
CA ALA A 145 -2.20 -4.19 17.44
C ALA A 145 -3.63 -4.66 17.17
N LEU A 146 -4.19 -4.27 16.02
CA LEU A 146 -5.55 -4.69 15.67
C LEU A 146 -5.64 -6.18 15.38
N HIS A 147 -4.52 -6.83 15.04
CA HIS A 147 -4.50 -8.25 14.71
C HIS A 147 -5.49 -8.57 13.59
N PHE A 148 -5.35 -7.83 12.49
CA PHE A 148 -6.18 -8.03 11.31
C PHE A 148 -6.09 -9.48 10.84
N SER A 149 -7.23 -10.01 10.39
CA SER A 149 -7.23 -11.24 9.62
C SER A 149 -7.08 -10.90 8.14
N GLU A 150 -6.65 -11.89 7.35
CA GLU A 150 -6.45 -11.67 5.92
C GLU A 150 -7.75 -11.20 5.27
N ASP A 151 -8.87 -11.78 5.66
CA ASP A 151 -10.16 -11.35 5.13
C ASP A 151 -10.45 -9.90 5.49
N GLU A 152 -10.07 -9.48 6.71
CA GLU A 152 -10.32 -8.10 7.13
C GLU A 152 -9.43 -7.12 6.37
N ILE A 153 -8.18 -7.49 6.12
CA ILE A 153 -7.30 -6.65 5.31
C ILE A 153 -7.83 -6.52 3.90
N ALA A 154 -8.40 -7.60 3.36
CA ALA A 154 -9.02 -7.56 2.04
C ALA A 154 -10.05 -6.44 1.94
N LEU A 155 -11.02 -6.45 2.87
CA LEU A 155 -12.08 -5.45 2.82
C LEU A 155 -11.59 -4.06 3.22
N TYR A 156 -10.56 -3.97 4.06
CA TYR A 156 -10.08 -2.66 4.46
C TYR A 156 -9.32 -1.98 3.33
N THR A 157 -8.39 -2.70 2.71
CA THR A 157 -7.63 -2.14 1.60
C THR A 157 -8.49 -1.90 0.37
N ALA A 158 -9.62 -2.61 0.24
CA ALA A 158 -10.55 -2.32 -0.84
C ALA A 158 -11.13 -0.92 -0.67
N LEU A 159 -11.59 -0.61 0.56
CA LEU A 159 -12.13 0.71 0.84
C LEU A 159 -11.04 1.79 0.79
N VAL A 160 -9.81 1.45 1.18
CA VAL A 160 -8.71 2.40 1.06
C VAL A 160 -8.55 2.86 -0.38
N LEU A 161 -8.80 1.95 -1.33
CA LEU A 161 -8.61 2.26 -2.74
C LEU A 161 -9.87 2.86 -3.35
N ILE A 162 -11.02 2.22 -3.12
CA ILE A 162 -12.28 2.70 -3.67
C ILE A 162 -12.82 3.77 -2.73
N ASN A 163 -12.46 5.03 -3.00
CA ASN A 163 -12.79 6.16 -2.16
C ASN A 163 -13.33 7.27 -3.05
N ALA A 164 -14.54 7.74 -2.74
CA ALA A 164 -15.19 8.73 -3.59
C ALA A 164 -14.79 10.17 -3.29
N HIS A 165 -14.02 10.40 -2.23
CA HIS A 165 -13.56 11.74 -1.89
C HIS A 165 -12.30 12.15 -2.66
N ARG A 166 -11.82 11.31 -3.56
CA ARG A 166 -10.54 11.56 -4.22
C ARG A 166 -10.65 12.70 -5.21
N PRO A 167 -9.81 13.73 -5.11
CA PRO A 167 -9.90 14.85 -6.05
C PRO A 167 -9.64 14.40 -7.48
N GLY A 168 -10.52 14.82 -8.39
CA GLY A 168 -10.35 14.56 -9.81
C GLY A 168 -11.25 13.50 -10.41
N LEU A 169 -12.11 12.88 -9.60
CA LEU A 169 -12.99 11.83 -10.12
C LEU A 169 -14.05 12.44 -11.04
N GLN A 170 -14.13 11.92 -12.26
CA GLN A 170 -15.13 12.42 -13.19
C GLN A 170 -16.52 11.89 -12.87
N GLU A 171 -16.60 10.63 -12.45
CA GLU A 171 -17.88 10.01 -12.11
C GLU A 171 -17.91 9.75 -10.60
N LYS A 172 -17.95 10.83 -9.83
CA LYS A 172 -17.92 10.72 -8.37
C LYS A 172 -19.08 9.87 -7.85
N ARG A 173 -20.25 9.97 -8.50
CA ARG A 173 -21.43 9.25 -8.02
C ARG A 173 -21.24 7.73 -8.09
N LYS A 174 -20.65 7.24 -9.18
CA LYS A 174 -20.47 5.80 -9.32
C LYS A 174 -19.47 5.26 -8.30
N VAL A 175 -18.45 6.05 -7.94
CA VAL A 175 -17.53 5.61 -6.89
C VAL A 175 -18.23 5.59 -5.54
N GLU A 176 -19.18 6.50 -5.32
CA GLU A 176 -19.95 6.48 -4.08
C GLU A 176 -20.72 5.18 -3.92
N GLN A 177 -21.38 4.73 -4.99
CA GLN A 177 -22.11 3.46 -4.93
C GLN A 177 -21.16 2.29 -4.71
N LEU A 178 -19.99 2.34 -5.34
CA LEU A 178 -18.98 1.30 -5.12
C LEU A 178 -18.51 1.30 -3.67
N GLN A 179 -18.25 2.48 -3.11
CA GLN A 179 -17.78 2.59 -1.73
C GLN A 179 -18.84 2.14 -0.73
N TYR A 180 -20.11 2.43 -1.01
CA TYR A 180 -21.18 2.04 -0.11
C TYR A 180 -21.32 0.52 -0.04
N ASN A 181 -21.36 -0.13 -1.20
CA ASN A 181 -21.54 -1.59 -1.22
C ASN A 181 -20.38 -2.29 -0.52
N LEU A 182 -19.19 -1.71 -0.54
CA LEU A 182 -18.03 -2.36 0.07
C LEU A 182 -18.00 -2.16 1.57
N GLU A 183 -18.34 -0.96 2.05
CA GLU A 183 -18.36 -0.75 3.49
C GLU A 183 -19.51 -1.49 4.15
N LEU A 184 -20.65 -1.62 3.45
CA LEU A 184 -21.72 -2.50 3.91
C LEU A 184 -21.23 -3.94 3.99
N ALA A 185 -20.44 -4.37 3.00
CA ALA A 185 -19.87 -5.72 3.04
C ALA A 185 -18.85 -5.85 4.18
N PHE A 186 -17.97 -4.86 4.31
CA PHE A 186 -17.00 -4.85 5.40
C PHE A 186 -17.70 -4.88 6.76
N HIS A 187 -18.71 -4.03 6.93
CA HIS A 187 -19.45 -4.01 8.20
C HIS A 187 -20.18 -5.33 8.43
N HIS A 188 -20.79 -5.88 7.39
CA HIS A 188 -21.48 -7.17 7.54
C HIS A 188 -20.50 -8.27 7.93
N HIS A 189 -19.29 -8.27 7.36
CA HIS A 189 -18.32 -9.29 7.71
C HIS A 189 -17.85 -9.13 9.15
N LEU A 190 -17.64 -7.88 9.60
CA LEU A 190 -17.24 -7.66 10.98
C LEU A 190 -18.36 -8.06 11.95
N CYS A 191 -19.63 -7.90 11.54
CA CYS A 191 -20.73 -8.30 12.40
C CYS A 191 -20.81 -9.82 12.53
N LYS A 192 -20.71 -10.53 11.40
CA LYS A 192 -20.72 -11.99 11.43
C LYS A 192 -19.52 -12.56 12.16
N THR A 193 -18.38 -11.87 12.14
CA THR A 193 -17.17 -12.34 12.79
C THR A 193 -17.03 -11.87 14.22
N HIS A 194 -17.94 -11.01 14.70
CA HIS A 194 -17.85 -10.41 16.04
C HIS A 194 -16.56 -9.61 16.20
N ARG A 195 -16.28 -8.77 15.22
CA ARG A 195 -15.08 -7.94 15.19
C ARG A 195 -15.45 -6.49 14.91
N GLN A 196 -16.62 -6.07 15.39
CA GLN A 196 -17.10 -4.70 15.17
C GLN A 196 -16.34 -3.67 15.98
N SER A 197 -15.77 -4.07 17.13
CA SER A 197 -14.95 -3.14 17.91
C SER A 197 -13.70 -2.69 17.17
N ILE A 198 -13.39 -3.31 16.02
CA ILE A 198 -12.25 -2.88 15.22
C ILE A 198 -12.50 -1.49 14.66
N LEU A 199 -13.75 -1.19 14.29
CA LEU A 199 -14.06 0.07 13.61
C LEU A 199 -13.69 1.28 14.47
N ALA A 200 -14.00 1.22 15.77
CA ALA A 200 -13.65 2.32 16.66
C ALA A 200 -12.15 2.47 16.85
N LYS A 201 -11.38 1.41 16.59
CA LYS A 201 -9.93 1.42 16.77
C LYS A 201 -9.18 1.66 15.48
N LEU A 202 -9.88 1.75 14.35
CA LEU A 202 -9.21 1.98 13.07
C LEU A 202 -8.60 3.38 13.03
N PRO A 203 -7.49 3.55 12.34
CA PRO A 203 -6.87 4.87 12.25
C PRO A 203 -7.79 5.84 11.52
N PRO A 204 -7.78 7.12 11.93
CA PRO A 204 -8.57 8.11 11.17
C PRO A 204 -8.08 8.17 9.73
N LYS A 205 -9.03 8.43 8.82
CA LYS A 205 -8.73 8.39 7.39
C LYS A 205 -7.58 9.33 7.02
N GLY A 206 -7.43 10.43 7.77
CA GLY A 206 -6.41 11.41 7.43
C GLY A 206 -4.99 10.91 7.62
N LYS A 207 -4.78 10.01 8.58
CA LYS A 207 -3.41 9.55 8.87
C LYS A 207 -2.81 8.82 7.67
N LEU A 208 -3.63 8.05 6.95
CA LEU A 208 -3.15 7.41 5.74
C LEU A 208 -2.82 8.44 4.66
N ARG A 209 -3.70 9.42 4.46
CA ARG A 209 -3.44 10.46 3.47
C ARG A 209 -2.23 11.30 3.85
N SER A 210 -2.11 11.65 5.13
CA SER A 210 -0.96 12.43 5.59
C SER A 210 0.34 11.64 5.44
N LEU A 211 0.28 10.32 5.60
CA LEU A 211 1.48 9.50 5.39
C LEU A 211 1.93 9.56 3.94
N CYS A 212 0.99 9.49 2.99
CA CYS A 212 1.33 9.61 1.58
C CYS A 212 1.95 10.97 1.28
N SER A 213 1.32 12.04 1.75
CA SER A 213 1.88 13.38 1.57
C SER A 213 3.28 13.45 2.15
N GLN A 214 3.47 12.91 3.35
CA GLN A 214 4.80 12.82 3.93
C GLN A 214 5.75 12.08 3.01
N HIS A 215 5.29 10.97 2.42
CA HIS A 215 6.13 10.19 1.53
C HIS A 215 6.46 10.95 0.27
N VAL A 216 5.44 11.39 -0.46
CA VAL A 216 5.64 12.04 -1.75
C VAL A 216 6.45 13.32 -1.60
N GLU A 217 6.07 14.19 -0.67
CA GLU A 217 6.77 15.46 -0.51
C GLU A 217 8.25 15.26 -0.20
N ARG A 218 8.62 14.13 0.41
CA ARG A 218 10.03 13.85 0.65
C ARG A 218 10.74 13.39 -0.61
N LEU A 219 10.02 12.76 -1.56
CA LEU A 219 10.65 12.23 -2.75
C LEU A 219 11.19 13.34 -3.64
N GLN A 220 10.33 14.31 -3.96
CA GLN A 220 10.74 15.37 -4.88
C GLN A 220 11.77 16.31 -4.28
N ILE A 221 11.96 16.27 -2.96
CA ILE A 221 13.14 16.90 -2.39
C ILE A 221 14.39 16.15 -2.86
N PHE A 222 14.31 14.82 -2.94
CA PHE A 222 15.40 14.04 -3.51
C PHE A 222 15.49 14.24 -5.02
N GLN A 223 14.33 14.27 -5.70
CA GLN A 223 14.33 14.44 -7.15
C GLN A 223 14.80 15.84 -7.55
N HIS A 224 14.59 16.85 -6.71
CA HIS A 224 15.07 18.18 -7.03
C HIS A 224 16.59 18.24 -6.89
N LEU A 225 17.14 17.62 -5.84
CA LEU A 225 18.58 17.69 -5.60
C LEU A 225 19.33 16.70 -6.47
N HIS A 226 18.76 15.52 -6.72
CA HIS A 226 19.40 14.46 -7.50
C HIS A 226 18.51 14.11 -8.69
N PRO A 227 18.34 15.02 -9.65
CA PRO A 227 17.35 14.78 -10.71
C PRO A 227 17.77 13.71 -11.72
N ILE A 228 19.04 13.70 -12.14
CA ILE A 228 19.44 12.75 -13.17
C ILE A 228 19.38 11.33 -12.66
N VAL A 229 19.69 11.11 -11.37
CA VAL A 229 19.57 9.77 -10.78
C VAL A 229 18.16 9.24 -10.94
N VAL A 230 17.15 10.11 -10.76
CA VAL A 230 15.77 9.64 -10.80
C VAL A 230 15.36 9.27 -12.22
N GLN A 231 15.76 10.07 -13.21
CA GLN A 231 15.36 9.77 -14.58
C GLN A 231 16.05 8.53 -15.12
N ALA A 232 17.30 8.29 -14.70
CA ALA A 232 18.07 7.18 -15.25
C ALA A 232 17.84 5.86 -14.53
N ALA A 233 17.79 5.87 -13.20
CA ALA A 233 17.78 4.62 -12.43
C ALA A 233 16.47 4.33 -11.72
N PHE A 234 15.57 5.31 -11.60
CA PHE A 234 14.34 4.96 -10.92
C PHE A 234 13.34 4.35 -11.90
N PRO A 235 12.51 3.41 -11.43
CA PRO A 235 11.63 2.68 -12.35
C PRO A 235 10.55 3.59 -12.91
N PRO A 236 10.00 3.26 -14.09
CA PRO A 236 9.02 4.16 -14.70
C PRO A 236 7.75 4.33 -13.88
N LEU A 237 7.11 3.24 -13.46
CA LEU A 237 5.85 3.32 -12.73
C LEU A 237 5.97 4.27 -11.56
N TYR A 238 7.10 4.21 -10.86
CA TYR A 238 7.35 5.09 -9.73
C TYR A 238 7.33 6.56 -10.13
N LYS A 239 7.92 6.90 -11.28
CA LYS A 239 7.98 8.29 -11.72
C LYS A 239 6.61 8.82 -12.13
N GLU A 240 5.75 7.96 -12.69
CA GLU A 240 4.42 8.40 -13.08
C GLU A 240 3.55 8.72 -11.87
N LEU A 241 3.69 7.92 -10.81
CA LEU A 241 2.87 8.12 -9.62
C LEU A 241 3.36 9.28 -8.77
N PHE A 242 4.65 9.61 -8.83
CA PHE A 242 5.26 10.42 -7.80
C PHE A 242 6.13 11.56 -8.28
N SER A 243 6.39 11.68 -9.57
CA SER A 243 7.32 12.70 -10.07
C SER A 243 6.59 13.72 -10.94
N GLY A 244 7.19 14.90 -11.04
CA GLY A 244 6.63 15.96 -11.85
C GLY A 244 6.77 15.71 -13.34
N GLY A 245 8.00 15.63 -13.82
CA GLY A 245 8.25 15.37 -15.22
C GLY A 245 8.36 13.88 -15.51
N GLY A 246 7.45 13.09 -14.97
CA GLY A 246 7.48 11.66 -15.17
C GLY A 246 6.19 11.08 -15.69
N GLU A 247 5.16 11.92 -15.81
CA GLU A 247 3.87 11.49 -16.30
C GLU A 247 3.82 11.35 -17.81
N LYS A 248 4.91 11.68 -18.52
CA LYS A 248 4.93 11.52 -19.97
C LYS A 248 4.87 10.04 -20.35
N HIS A 249 5.68 9.21 -19.68
CA HIS A 249 5.61 7.77 -19.89
C HIS A 249 4.27 7.24 -19.38
N LYS A 250 3.52 6.57 -20.25
CA LYS A 250 2.22 6.01 -19.91
C LYS A 250 2.41 4.55 -19.50
N ILE A 251 2.21 4.28 -18.22
CA ILE A 251 2.47 2.96 -17.63
C ILE A 251 1.22 2.34 -17.05
N LEU A 252 0.46 3.09 -16.24
CA LEU A 252 -0.75 2.56 -15.64
C LEU A 252 -1.77 2.20 -16.71
N HIS A 253 -1.93 3.05 -17.71
CA HIS A 253 -2.95 2.85 -18.73
C HIS A 253 -2.59 1.70 -19.67
N ARG A 254 -1.66 0.85 -19.28
CA ARG A 254 -1.43 -0.40 -19.97
C ARG A 254 -1.48 -1.60 -19.04
N LEU A 255 -1.14 -1.44 -17.76
CA LEU A 255 -1.43 -2.48 -16.78
C LEU A 255 -2.93 -2.68 -16.65
N LEU A 256 -3.72 -1.62 -16.87
CA LEU A 256 -5.17 -1.70 -16.77
C LEU A 256 -5.83 -2.22 -18.02
N GLN A 257 -5.08 -2.56 -19.07
CA GLN A 257 -5.65 -3.20 -20.24
C GLN A 257 -5.18 -4.63 -20.41
N ASP A 258 -3.87 -4.85 -20.35
CA ASP A 258 -3.33 -6.21 -20.38
C ASP A 258 -3.88 -7.02 -19.21
N SER A 259 -4.85 -7.88 -19.47
CA SER A 259 -5.50 -8.65 -18.43
C SER A 259 -5.33 -10.14 -18.67
N1 L77 B . 8.71 3.06 0.71
C1 L77 B . 7.77 -2.92 -0.13
O1 L77 B . 10.93 2.40 0.88
N2 L77 B . 8.91 -2.01 0.06
C2 L77 B . 6.66 -2.33 0.71
O2 L77 B . 10.55 -4.15 0.67
C3 L77 B . 11.84 7.23 0.59
O3 L77 B . 11.69 -1.71 0.25
C4 L77 B . 9.75 -2.65 4.86
C5 L77 B . 11.68 6.50 -0.57
C6 L77 B . 11.46 6.70 1.81
C10 L77 B . 6.22 0.27 1.16
C11 L77 B . 8.85 0.60 0.36
C12 L77 B . 10.35 -0.73 2.97
C13 L77 B . 10.16 3.29 0.76
C14 L77 B . 11.14 5.23 -0.52
C15 L77 B . 10.91 5.42 1.86
C16 L77 B . 8.12 1.72 0.74
C17 L77 B . 6.99 -0.85 0.79
C18 L77 B . 10.22 -0.36 4.28
C19 L77 B . 8.30 -0.69 0.39
C20 L77 B . 10.18 -2.07 2.59
C21 L77 B . 10.75 4.69 0.70
C22 L77 B . 10.40 1.10 4.68
C7 L77 B . 9.91 -1.31 5.24
C8 L77 B . 6.78 1.55 1.13
C9 L77 B . 9.89 -3.02 3.53
F1 L77 B . 10.98 4.51 -1.66
F2 L77 B . 10.75 1.19 6.00
F3 L77 B . 9.21 1.75 4.48
F4 L77 B . 11.36 1.66 3.91
S1 L77 B . 10.37 -2.51 0.84
CL1 L77 B . 10.41 4.72 3.41
#